data_7VWN
#
_entry.id   7VWN
#
_cell.length_a   115.588
_cell.length_b   50.536
_cell.length_c   41.370
_cell.angle_alpha   90.000
_cell.angle_beta   92.458
_cell.angle_gamma   90.000
#
_symmetry.space_group_name_H-M   'C 1 2 1'
#
loop_
_entity.id
_entity.type
_entity.pdbx_description
1 polymer 'Poly(ethylene terephthalate) hydrolase'
2 non-polymer 'CHLORIDE ION'
3 water water
#
_entity_poly.entity_id   1
_entity_poly.type   'polypeptide(L)'
_entity_poly.pdbx_seq_one_letter_code
;SNPYARGPNPTAASLEASAGPFTVRSFTVSRPSGYGAGTVYYPTNAGGTVGAIAIVPGYTARQSSINWWGPRLASHGFVV
ITIDTNSTLDQPSSRSSQQMAALRQVASLNGTSSSPIYGKVDTARMGVMGWSMGGGGSLRSAANNPSLKAAAVQAPWDSS
TNFSSVTVPTLIFACENDSIAPVNSVALPIYDSMSRNAKQFLEICGGSHSCANSGNSNQDLIGKKGVAWMKRFMDNDTRY
STFACENPNSTAVCDFRTANCSLEHHHHHH
;
_entity_poly.pdbx_strand_id   A
#
loop_
_chem_comp.id
_chem_comp.type
_chem_comp.name
_chem_comp.formula
CL non-polymer 'CHLORIDE ION' 'Cl -1'
#
# COMPACT_ATOMS: atom_id res chain seq x y z
N SER A 1 -19.23 18.45 -1.72
CA SER A 1 -17.77 18.45 -1.73
C SER A 1 -17.35 17.16 -1.07
N ASN A 2 -16.10 16.74 -1.33
CA ASN A 2 -15.59 15.48 -0.78
C ASN A 2 -14.95 15.77 0.56
N PRO A 3 -15.53 15.33 1.67
CA PRO A 3 -14.95 15.61 2.98
C PRO A 3 -13.58 14.98 3.19
N TYR A 4 -13.18 14.02 2.36
CA TYR A 4 -11.90 13.36 2.54
C TYR A 4 -10.81 13.89 1.63
N ALA A 5 -11.11 14.82 0.73
CA ALA A 5 -10.05 15.32 -0.13
C ALA A 5 -9.05 16.16 0.66
N ARG A 6 -7.77 15.92 0.44
CA ARG A 6 -6.70 16.67 1.08
C ARG A 6 -5.67 17.09 0.04
N GLY A 7 -5.04 18.25 0.26
CA GLY A 7 -3.94 18.68 -0.57
C GLY A 7 -4.42 19.34 -1.86
N PRO A 8 -3.49 19.98 -2.58
CA PRO A 8 -3.85 20.58 -3.88
C PRO A 8 -4.07 19.55 -4.98
N ASN A 9 -4.63 20.03 -6.08
CA ASN A 9 -4.84 19.15 -7.23
C ASN A 9 -3.50 18.62 -7.70
N PRO A 10 -3.35 17.32 -7.89
CA PRO A 10 -2.06 16.72 -8.21
C PRO A 10 -1.72 16.93 -9.68
N THR A 11 -0.43 16.82 -9.98
CA THR A 11 0.01 16.66 -11.36
C THR A 11 0.94 15.46 -11.43
N ALA A 12 1.15 14.97 -12.65
CA ALA A 12 2.00 13.79 -12.80
C ALA A 12 3.38 14.08 -12.22
N ALA A 13 3.97 15.23 -12.54
CA ALA A 13 5.28 15.58 -12.00
C ALA A 13 5.28 15.69 -10.48
N SER A 14 4.25 16.30 -9.88
CA SER A 14 4.23 16.36 -8.40
C SER A 14 4.03 14.98 -7.75
N LEU A 15 3.37 14.05 -8.44
CA LEU A 15 3.23 12.71 -7.84
C LEU A 15 4.46 11.85 -8.06
N GLU A 16 5.28 12.24 -9.05
CA GLU A 16 6.55 11.59 -9.33
C GLU A 16 7.64 12.09 -8.41
N ALA A 17 7.45 13.26 -7.82
CA ALA A 17 8.45 13.83 -6.92
C ALA A 17 8.59 12.96 -5.68
N SER A 18 9.69 13.18 -4.97
CA SER A 18 9.97 12.33 -3.81
C SER A 18 9.08 12.63 -2.62
N ALA A 19 8.55 13.84 -2.52
CA ALA A 19 7.75 14.17 -1.34
C ALA A 19 6.53 14.99 -1.78
N GLY A 20 5.39 14.65 -1.20
CA GLY A 20 4.18 15.40 -1.44
C GLY A 20 4.18 16.66 -0.63
N PRO A 21 3.00 17.26 -0.50
CA PRO A 21 2.89 18.61 0.05
C PRO A 21 2.97 18.70 1.58
N PHE A 22 2.84 17.59 2.31
CA PHE A 22 2.77 17.66 3.77
C PHE A 22 4.09 17.24 4.43
N THR A 23 4.43 17.91 5.52
CA THR A 23 5.59 17.53 6.33
C THR A 23 5.32 16.21 7.05
N VAL A 24 6.33 15.34 7.07
CA VAL A 24 6.21 14.01 7.63
C VAL A 24 7.03 13.95 8.90
N ARG A 25 6.42 13.47 9.97
CA ARG A 25 7.17 13.02 11.13
C ARG A 25 6.93 11.53 11.36
N SER A 26 7.71 10.94 12.27
CA SER A 26 7.57 9.51 12.54
C SER A 26 7.94 9.19 13.98
N PHE A 27 7.43 8.06 14.45
CA PHE A 27 7.82 7.54 15.75
C PHE A 27 7.81 6.01 15.72
N THR A 28 8.58 5.43 16.65
CA THR A 28 8.61 3.99 16.86
C THR A 28 7.51 3.61 17.86
N VAL A 29 6.71 2.61 17.50
CA VAL A 29 5.67 2.13 18.40
C VAL A 29 6.31 1.55 19.66
N SER A 30 5.87 2.01 20.82
CA SER A 30 6.54 1.66 22.07
C SER A 30 6.24 0.21 22.48
N ARG A 31 4.98 -0.18 22.44
CA ARG A 31 4.53 -1.52 22.86
C ARG A 31 3.68 -2.09 21.72
N PRO A 32 4.31 -2.67 20.70
CA PRO A 32 3.54 -3.19 19.57
C PRO A 32 2.55 -4.24 20.05
N SER A 33 1.33 -4.16 19.55
CA SER A 33 0.24 -5.01 20.03
C SER A 33 -0.16 -6.02 18.94
N GLY A 34 0.41 -7.23 19.01
CA GLY A 34 0.06 -8.26 18.01
C GLY A 34 0.97 -8.37 16.80
N TYR A 35 2.12 -7.72 16.84
CA TYR A 35 3.06 -7.78 15.73
C TYR A 35 4.41 -7.43 16.36
N GLY A 36 5.45 -7.51 15.54
CA GLY A 36 6.80 -7.49 16.09
C GLY A 36 7.30 -6.10 16.49
N ALA A 37 7.20 -5.15 15.55
CA ALA A 37 7.67 -3.77 15.73
C ALA A 37 6.98 -2.93 14.66
N GLY A 38 6.93 -1.63 14.88
CA GLY A 38 6.31 -0.73 13.92
C GLY A 38 6.92 0.66 13.96
N THR A 39 6.94 1.32 12.79
CA THR A 39 7.22 2.75 12.71
C THR A 39 5.99 3.41 12.10
N VAL A 40 5.54 4.51 12.71
CA VAL A 40 4.37 5.25 12.25
C VAL A 40 4.84 6.53 11.59
N TYR A 41 4.46 6.73 10.33
CA TYR A 41 4.74 7.97 9.61
C TYR A 41 3.45 8.76 9.50
N TYR A 42 3.53 10.07 9.67
CA TYR A 42 2.27 10.80 9.65
C TYR A 42 2.50 12.22 9.18
N PRO A 43 1.51 12.84 8.56
CA PRO A 43 1.64 14.26 8.16
C PRO A 43 1.34 15.16 9.34
N THR A 44 2.09 16.25 9.44
CA THR A 44 1.79 17.21 10.48
C THR A 44 0.68 18.17 10.08
N ASN A 45 0.49 18.42 8.79
CA ASN A 45 -0.32 19.57 8.42
C ASN A 45 -1.36 19.22 7.37
N ALA A 46 -2.05 18.08 7.50
CA ALA A 46 -2.84 17.57 6.38
C ALA A 46 -4.17 18.31 6.16
N GLY A 47 -4.65 19.06 7.15
CA GLY A 47 -5.91 19.78 7.00
C GLY A 47 -7.15 18.96 7.27
N GLY A 48 -6.98 17.84 7.97
CA GLY A 48 -8.09 17.03 8.43
C GLY A 48 -7.58 15.64 8.71
N THR A 49 -8.48 14.79 9.20
CA THR A 49 -8.10 13.41 9.44
C THR A 49 -7.81 12.70 8.13
N VAL A 50 -6.96 11.68 8.19
CA VAL A 50 -6.52 10.96 7.00
C VAL A 50 -6.66 9.46 7.24
N GLY A 51 -6.66 8.71 6.14
CA GLY A 51 -6.74 7.27 6.27
C GLY A 51 -5.43 6.67 6.74
N ALA A 52 -5.47 5.40 7.12
CA ALA A 52 -4.31 4.69 7.65
C ALA A 52 -3.97 3.49 6.80
N ILE A 53 -2.67 3.24 6.63
CA ILE A 53 -2.17 2.17 5.77
C ILE A 53 -1.15 1.35 6.56
N ALA A 54 -1.24 0.02 6.49
CA ALA A 54 -0.27 -0.86 7.16
C ALA A 54 0.49 -1.69 6.14
N ILE A 55 1.82 -1.69 6.23
CA ILE A 55 2.71 -2.26 5.21
C ILE A 55 3.57 -3.37 5.81
N VAL A 56 3.60 -4.53 5.15
CA VAL A 56 4.25 -5.72 5.68
C VAL A 56 5.34 -6.18 4.71
N PRO A 57 6.54 -6.52 5.20
CA PRO A 57 7.62 -7.05 4.33
C PRO A 57 7.39 -8.53 3.95
N GLY A 58 8.34 -9.08 3.18
CA GLY A 58 8.35 -10.48 2.80
C GLY A 58 9.10 -11.37 3.78
N TYR A 59 9.14 -12.66 3.43
CA TYR A 59 9.84 -13.66 4.24
C TYR A 59 11.28 -13.24 4.46
N THR A 60 11.73 -13.31 5.73
CA THR A 60 13.06 -12.94 6.22
C THR A 60 13.25 -11.43 6.30
N ALA A 61 12.33 -10.64 5.79
CA ALA A 61 12.62 -9.23 5.58
C ALA A 61 12.07 -8.35 6.69
N ARG A 62 12.59 -7.15 6.74
CA ARG A 62 12.23 -6.20 7.79
C ARG A 62 11.68 -4.90 7.20
N GLN A 63 11.37 -3.95 8.10
CA GLN A 63 10.78 -2.68 7.67
C GLN A 63 11.59 -2.00 6.57
N SER A 64 12.91 -2.07 6.60
CA SER A 64 13.70 -1.28 5.63
C SER A 64 13.38 -1.67 4.18
N SER A 65 12.91 -2.89 3.94
CA SER A 65 12.63 -3.30 2.55
C SER A 65 11.47 -2.52 1.96
N ILE A 66 10.55 -2.07 2.78
CA ILE A 66 9.29 -1.49 2.34
C ILE A 66 9.05 -0.09 2.87
N ASN A 67 9.97 0.46 3.67
CA ASN A 67 9.63 1.69 4.37
C ASN A 67 9.76 2.96 3.56
N TRP A 68 10.28 2.92 2.32
CA TRP A 68 10.25 4.16 1.53
C TRP A 68 8.82 4.65 1.33
N TRP A 69 7.86 3.71 1.35
CA TRP A 69 6.44 4.05 1.24
C TRP A 69 5.94 4.91 2.39
N GLY A 70 6.59 4.82 3.53
CA GLY A 70 6.20 5.53 4.73
C GLY A 70 6.13 7.01 4.51
N PRO A 71 7.27 7.65 4.22
CA PRO A 71 7.22 9.09 3.92
C PRO A 71 6.59 9.39 2.56
N ARG A 72 6.74 8.51 1.58
CA ARG A 72 6.14 8.77 0.28
C ARG A 72 4.64 8.95 0.39
N LEU A 73 3.97 8.04 1.11
CA LEU A 73 2.51 8.14 1.26
C LEU A 73 2.14 9.13 2.32
N ALA A 74 2.88 9.21 3.43
CA ALA A 74 2.48 10.11 4.49
C ALA A 74 2.49 11.56 4.02
N SER A 75 3.46 11.92 3.17
CA SER A 75 3.61 13.30 2.69
C SER A 75 2.48 13.69 1.74
N HIS A 76 1.64 12.72 1.34
CA HIS A 76 0.44 13.01 0.55
C HIS A 76 -0.84 12.95 1.35
N GLY A 77 -0.75 12.65 2.65
CA GLY A 77 -1.89 12.74 3.53
C GLY A 77 -2.39 11.37 3.96
N PHE A 78 -1.51 10.59 4.61
CA PHE A 78 -1.91 9.31 5.14
C PHE A 78 -1.07 9.07 6.39
N VAL A 79 -1.62 8.26 7.30
CA VAL A 79 -0.82 7.73 8.40
C VAL A 79 -0.39 6.31 8.03
N VAL A 80 0.92 6.05 8.01
CA VAL A 80 1.45 4.79 7.47
C VAL A 80 2.19 4.10 8.59
N ILE A 81 1.87 2.82 8.83
CA ILE A 81 2.65 2.00 9.75
C ILE A 81 3.36 0.89 8.98
N THR A 82 4.69 0.86 9.10
CA THR A 82 5.51 -0.19 8.52
C THR A 82 5.87 -1.14 9.65
N ILE A 83 5.66 -2.45 9.45
CA ILE A 83 5.87 -3.37 10.57
C ILE A 83 6.95 -4.39 10.31
N ASP A 84 7.54 -4.85 11.42
CA ASP A 84 8.24 -6.12 11.47
C ASP A 84 7.29 -7.14 12.06
N THR A 85 7.33 -8.36 11.52
CA THR A 85 6.50 -9.44 11.98
C THR A 85 7.11 -10.08 13.23
N ASN A 86 6.25 -10.78 13.97
CA ASN A 86 6.68 -11.44 15.23
C ASN A 86 7.87 -12.34 14.98
N SER A 87 7.85 -13.03 13.84
CA SER A 87 8.96 -13.85 13.36
C SER A 87 9.25 -13.45 11.92
N THR A 88 10.56 -13.37 11.55
CA THR A 88 10.88 -13.12 10.13
C THR A 88 10.37 -14.25 9.25
N LEU A 89 10.04 -15.40 9.84
CA LEU A 89 9.63 -16.55 9.07
C LEU A 89 8.14 -16.80 9.15
N ASP A 90 7.39 -15.82 9.59
CA ASP A 90 5.93 -15.95 9.55
C ASP A 90 5.44 -16.07 8.10
N GLN A 91 4.36 -16.83 7.92
CA GLN A 91 3.77 -17.09 6.61
C GLN A 91 2.60 -16.13 6.32
N PRO A 92 1.98 -16.17 5.11
CA PRO A 92 1.01 -15.09 4.76
C PRO A 92 -0.19 -14.96 5.69
N SER A 93 -0.74 -16.05 6.23
CA SER A 93 -1.90 -15.89 7.11
C SER A 93 -1.54 -15.13 8.36
N SER A 94 -0.40 -15.46 8.95
CA SER A 94 0.11 -14.75 10.12
C SER A 94 0.44 -13.31 9.80
N ARG A 95 1.08 -13.05 8.63
CA ARG A 95 1.34 -11.69 8.19
C ARG A 95 0.04 -10.89 8.10
N SER A 96 -1.03 -11.53 7.60
CA SER A 96 -2.29 -10.80 7.49
C SER A 96 -2.85 -10.43 8.87
N SER A 97 -2.83 -11.39 9.79
CA SER A 97 -3.33 -11.13 11.15
C SER A 97 -2.54 -10.02 11.81
N GLN A 98 -1.20 -10.01 11.62
CA GLN A 98 -0.36 -8.95 12.16
C GLN A 98 -0.62 -7.59 11.52
N GLN A 99 -0.82 -7.58 10.20
CA GLN A 99 -1.12 -6.33 9.48
C GLN A 99 -2.40 -5.71 10.04
N MET A 100 -3.42 -6.54 10.31
CA MET A 100 -4.67 -6.06 10.86
C MET A 100 -4.50 -5.61 12.30
N ALA A 101 -3.59 -6.27 13.06
CA ALA A 101 -3.30 -5.80 14.43
C ALA A 101 -2.60 -4.46 14.42
N ALA A 102 -1.77 -4.22 13.41
CA ALA A 102 -1.10 -2.92 13.31
C ALA A 102 -2.10 -1.82 12.96
N LEU A 103 -3.04 -2.09 12.06
CA LEU A 103 -4.14 -1.13 11.83
C LEU A 103 -4.93 -0.87 13.11
N ARG A 104 -5.27 -1.93 13.85
CA ARG A 104 -5.95 -1.80 15.12
C ARG A 104 -5.19 -0.89 16.06
N GLN A 105 -3.87 -1.00 16.09
CA GLN A 105 -3.10 -0.16 17.01
C GLN A 105 -3.01 1.29 16.51
N VAL A 106 -2.96 1.50 15.21
CA VAL A 106 -3.05 2.87 14.72
C VAL A 106 -4.35 3.51 15.17
N ALA A 107 -5.45 2.77 15.08
CA ALA A 107 -6.74 3.29 15.55
C ALA A 107 -6.71 3.54 17.06
N SER A 108 -6.06 2.67 17.83
CA SER A 108 -5.98 2.90 19.25
C SER A 108 -5.12 4.14 19.54
N LEU A 109 -4.01 4.31 18.80
CA LEU A 109 -3.15 5.47 19.07
C LEU A 109 -3.84 6.77 18.66
N ASN A 110 -4.69 6.69 17.64
CA ASN A 110 -5.52 7.84 17.28
C ASN A 110 -6.38 8.33 18.45
N GLY A 111 -6.79 7.42 19.34
CA GLY A 111 -7.52 7.77 20.54
C GLY A 111 -6.68 7.95 21.78
N THR A 112 -5.36 7.95 21.67
CA THR A 112 -4.47 8.03 22.82
C THR A 112 -3.90 9.45 22.85
N SER A 113 -4.33 10.24 23.83
CA SER A 113 -4.03 11.66 23.84
C SER A 113 -2.53 11.95 23.85
N SER A 114 -1.71 11.01 24.33
CA SER A 114 -0.26 11.19 24.33
C SER A 114 0.39 10.87 22.99
N SER A 115 -0.34 10.29 22.03
CA SER A 115 0.34 9.85 20.81
C SER A 115 0.45 11.00 19.84
N PRO A 116 1.53 11.03 19.04
CA PRO A 116 1.62 12.07 18.00
C PRO A 116 0.52 12.00 16.98
N ILE A 117 -0.17 10.87 16.83
CA ILE A 117 -1.26 10.81 15.85
C ILE A 117 -2.64 10.93 16.50
N TYR A 118 -2.72 11.42 17.75
CA TYR A 118 -4.02 11.64 18.37
C TYR A 118 -4.92 12.48 17.47
N GLY A 119 -6.10 11.95 17.17
CA GLY A 119 -7.06 12.66 16.35
C GLY A 119 -6.64 12.90 14.91
N LYS A 120 -5.56 12.25 14.44
CA LYS A 120 -5.12 12.44 13.05
C LYS A 120 -5.71 11.45 12.07
N VAL A 121 -6.37 10.38 12.54
CA VAL A 121 -6.73 9.25 11.68
C VAL A 121 -8.24 9.20 11.55
N ASP A 122 -8.74 8.98 10.33
CA ASP A 122 -10.10 8.50 10.15
C ASP A 122 -10.06 6.97 10.22
N THR A 123 -10.49 6.41 11.35
CA THR A 123 -10.31 4.96 11.51
C THR A 123 -11.31 4.17 10.73
N ALA A 124 -12.17 4.79 9.96
CA ALA A 124 -13.06 4.07 9.07
C ALA A 124 -12.47 3.89 7.67
N ARG A 125 -11.27 4.41 7.42
CA ARG A 125 -10.68 4.42 6.07
C ARG A 125 -9.27 3.85 6.21
N MET A 126 -9.11 2.58 5.86
CA MET A 126 -7.85 1.87 6.02
C MET A 126 -7.48 1.14 4.75
N GLY A 127 -6.17 0.92 4.61
CA GLY A 127 -5.61 0.23 3.45
C GLY A 127 -4.45 -0.66 3.85
N VAL A 128 -4.09 -1.56 2.91
CA VAL A 128 -3.08 -2.60 3.21
C VAL A 128 -2.11 -2.69 2.05
N MET A 129 -0.83 -2.83 2.39
CA MET A 129 0.22 -2.95 1.37
C MET A 129 1.25 -3.98 1.86
N GLY A 130 2.03 -4.53 0.92
CA GLY A 130 3.14 -5.35 1.38
C GLY A 130 3.81 -6.03 0.20
N TRP A 131 4.97 -6.58 0.50
CA TRP A 131 5.88 -7.17 -0.47
C TRP A 131 5.90 -8.68 -0.34
N SER A 132 5.71 -9.39 -1.46
CA SER A 132 5.93 -10.86 -1.50
C SER A 132 4.95 -11.51 -0.53
N MET A 133 5.40 -12.31 0.46
CA MET A 133 4.44 -12.89 1.44
C MET A 133 3.65 -11.82 2.16
N GLY A 134 4.21 -10.60 2.31
CA GLY A 134 3.43 -9.50 2.90
C GLY A 134 2.36 -8.98 1.96
N GLY A 135 2.61 -9.16 0.66
CA GLY A 135 1.57 -8.88 -0.34
C GLY A 135 0.48 -9.95 -0.35
N GLY A 136 0.86 -11.23 -0.27
CA GLY A 136 -0.17 -12.24 -0.05
C GLY A 136 -0.98 -11.98 1.22
N GLY A 137 -0.28 -11.63 2.30
CA GLY A 137 -0.98 -11.28 3.56
C GLY A 137 -1.94 -10.11 3.37
N SER A 138 -1.57 -9.13 2.52
CA SER A 138 -2.44 -7.98 2.29
C SER A 138 -3.68 -8.38 1.52
N LEU A 139 -3.53 -9.29 0.56
CA LEU A 139 -4.68 -9.76 -0.19
C LEU A 139 -5.61 -10.59 0.67
N ARG A 140 -5.04 -11.37 1.61
CA ARG A 140 -5.89 -12.06 2.59
C ARG A 140 -6.56 -11.06 3.51
N SER A 141 -5.85 -10.00 3.91
CA SER A 141 -6.50 -8.97 4.73
C SER A 141 -7.69 -8.38 4.02
N ALA A 142 -7.54 -8.09 2.71
CA ALA A 142 -8.61 -7.48 1.94
C ALA A 142 -9.77 -8.44 1.77
N ALA A 143 -9.46 -9.73 1.47
CA ALA A 143 -10.52 -10.70 1.32
C ALA A 143 -11.32 -10.89 2.60
N ASN A 144 -10.64 -10.85 3.75
CA ASN A 144 -11.31 -11.13 5.01
C ASN A 144 -11.90 -9.89 5.63
N ASN A 145 -11.51 -8.68 5.17
CA ASN A 145 -12.01 -7.44 5.75
C ASN A 145 -12.40 -6.52 4.60
N PRO A 146 -13.54 -6.76 3.98
CA PRO A 146 -13.88 -6.00 2.78
C PRO A 146 -14.22 -4.52 3.01
N SER A 147 -14.30 -4.07 4.27
N SER A 147 -14.27 -4.03 4.26
CA SER A 147 -14.40 -2.63 4.51
CA SER A 147 -14.38 -2.59 4.51
C SER A 147 -13.12 -1.89 4.21
C SER A 147 -13.05 -1.86 4.40
N LEU A 148 -11.97 -2.58 4.17
CA LEU A 148 -10.73 -1.93 3.73
C LEU A 148 -10.98 -1.18 2.43
N LYS A 149 -10.37 -0.01 2.28
CA LYS A 149 -10.69 0.85 1.14
C LYS A 149 -9.75 0.68 -0.02
N ALA A 150 -8.58 0.07 0.18
CA ALA A 150 -7.63 -0.08 -0.90
C ALA A 150 -6.52 -1.03 -0.48
N ALA A 151 -5.93 -1.70 -1.49
CA ALA A 151 -4.76 -2.54 -1.32
C ALA A 151 -3.80 -2.22 -2.44
N ALA A 152 -2.52 -2.21 -2.11
CA ALA A 152 -1.48 -2.02 -3.14
C ALA A 152 -0.29 -2.89 -2.75
N VAL A 153 -0.04 -3.92 -3.56
CA VAL A 153 0.94 -4.94 -3.19
C VAL A 153 2.00 -4.99 -4.26
N GLN A 154 3.14 -5.53 -3.89
CA GLN A 154 4.32 -5.53 -4.76
C GLN A 154 4.97 -6.90 -4.74
N ALA A 155 5.22 -7.45 -5.92
CA ALA A 155 5.80 -8.78 -6.14
C ALA A 155 5.10 -9.76 -5.21
N PRO A 156 3.77 -9.80 -5.22
CA PRO A 156 3.07 -10.60 -4.20
C PRO A 156 3.37 -12.06 -4.39
N TRP A 157 3.35 -12.75 -3.26
CA TRP A 157 3.40 -14.20 -3.25
C TRP A 157 2.42 -14.75 -2.23
N ASP A 158 1.80 -15.86 -2.58
CA ASP A 158 1.01 -16.63 -1.61
C ASP A 158 0.92 -18.07 -2.07
N SER A 159 0.44 -18.94 -1.16
CA SER A 159 0.29 -20.35 -1.51
C SER A 159 -0.86 -20.63 -2.46
N SER A 160 -1.83 -19.72 -2.55
CA SER A 160 -2.94 -19.85 -3.46
C SER A 160 -2.92 -18.58 -4.30
N THR A 161 -3.20 -18.71 -5.58
CA THR A 161 -3.33 -17.47 -6.34
C THR A 161 -4.79 -17.06 -6.51
N ASN A 162 -5.76 -17.75 -5.93
CA ASN A 162 -7.18 -17.45 -6.13
C ASN A 162 -7.67 -16.47 -5.08
N PHE A 163 -7.75 -15.19 -5.45
CA PHE A 163 -8.27 -14.11 -4.64
C PHE A 163 -9.59 -13.57 -5.19
N SER A 164 -10.43 -14.48 -5.70
CA SER A 164 -11.68 -14.07 -6.35
C SER A 164 -12.65 -13.36 -5.40
N SER A 165 -12.56 -13.54 -4.09
CA SER A 165 -13.55 -12.86 -3.26
C SER A 165 -13.23 -11.41 -2.97
N VAL A 166 -12.05 -10.93 -3.38
CA VAL A 166 -11.60 -9.58 -3.01
C VAL A 166 -12.45 -8.51 -3.70
N THR A 167 -13.06 -7.65 -2.90
CA THR A 167 -13.87 -6.57 -3.45
C THR A 167 -13.20 -5.23 -3.25
N VAL A 168 -12.05 -5.21 -2.59
CA VAL A 168 -11.28 -4.01 -2.29
C VAL A 168 -10.50 -3.61 -3.53
N PRO A 169 -10.47 -2.35 -3.88
CA PRO A 169 -9.61 -1.91 -4.99
C PRO A 169 -8.15 -2.28 -4.82
N THR A 170 -7.59 -3.04 -5.77
CA THR A 170 -6.31 -3.70 -5.56
C THR A 170 -5.38 -3.37 -6.72
N LEU A 171 -4.23 -2.77 -6.39
CA LEU A 171 -3.15 -2.50 -7.34
C LEU A 171 -2.03 -3.50 -7.06
N ILE A 172 -1.47 -4.08 -8.12
CA ILE A 172 -0.35 -5.02 -8.05
C ILE A 172 0.78 -4.48 -8.89
N PHE A 173 1.93 -4.25 -8.25
CA PHE A 173 3.19 -4.05 -8.94
C PHE A 173 3.83 -5.41 -9.10
N ALA A 174 4.23 -5.75 -10.30
CA ALA A 174 4.94 -6.97 -10.57
C ALA A 174 6.29 -6.59 -11.16
N CYS A 175 7.27 -7.51 -11.05
CA CYS A 175 8.63 -7.23 -11.45
C CYS A 175 9.00 -8.20 -12.55
N GLU A 176 9.32 -7.66 -13.74
CA GLU A 176 9.41 -8.48 -14.94
C GLU A 176 10.25 -9.72 -14.73
N ASN A 177 11.45 -9.59 -14.16
CA ASN A 177 12.38 -10.71 -14.09
C ASN A 177 12.37 -11.44 -12.75
N ASP A 178 11.28 -11.36 -12.01
CA ASP A 178 11.17 -11.95 -10.69
C ASP A 178 11.25 -13.47 -10.80
N SER A 179 12.22 -14.07 -10.11
N SER A 179 12.18 -14.06 -10.09
CA SER A 179 12.36 -15.52 -10.06
CA SER A 179 12.32 -15.49 -10.08
C SER A 179 11.87 -16.09 -8.74
C SER A 179 11.89 -16.09 -8.75
N ILE A 180 11.49 -15.23 -7.79
CA ILE A 180 11.02 -15.65 -6.48
C ILE A 180 9.50 -15.80 -6.50
N ALA A 181 8.82 -14.85 -7.11
CA ALA A 181 7.35 -14.83 -7.22
C ALA A 181 7.10 -14.42 -8.67
N PRO A 182 7.31 -15.33 -9.63
CA PRO A 182 7.29 -14.92 -11.05
C PRO A 182 5.97 -14.32 -11.48
N VAL A 183 6.06 -13.48 -12.52
CA VAL A 183 4.87 -12.83 -13.06
C VAL A 183 3.90 -13.85 -13.64
N ASN A 184 4.41 -14.77 -14.45
CA ASN A 184 3.56 -15.69 -15.19
C ASN A 184 2.83 -16.66 -14.27
N SER A 185 3.46 -17.10 -13.19
CA SER A 185 2.87 -18.15 -12.38
C SER A 185 2.31 -17.65 -11.06
N VAL A 186 2.62 -16.40 -10.66
CA VAL A 186 2.16 -15.89 -9.37
C VAL A 186 1.41 -14.56 -9.55
N ALA A 187 2.11 -13.49 -10.00
CA ALA A 187 1.52 -12.15 -9.95
C ALA A 187 0.34 -12.02 -10.90
N LEU A 188 0.46 -12.52 -12.12
CA LEU A 188 -0.64 -12.37 -13.07
C LEU A 188 -1.81 -13.28 -12.74
N PRO A 189 -1.59 -14.53 -12.31
CA PRO A 189 -2.73 -15.33 -11.82
C PRO A 189 -3.47 -14.70 -10.67
N ILE A 190 -2.76 -14.12 -9.71
CA ILE A 190 -3.42 -13.39 -8.63
C ILE A 190 -4.32 -12.31 -9.22
N TYR A 191 -3.74 -11.48 -10.11
CA TYR A 191 -4.49 -10.41 -10.74
C TYR A 191 -5.71 -10.95 -11.46
N ASP A 192 -5.54 -12.01 -12.23
CA ASP A 192 -6.62 -12.46 -13.09
C ASP A 192 -7.73 -13.12 -12.30
N SER A 193 -7.45 -13.52 -11.04
CA SER A 193 -8.46 -14.17 -10.22
C SER A 193 -9.53 -13.22 -9.70
N MET A 194 -9.28 -11.90 -9.77
CA MET A 194 -10.18 -10.93 -9.15
C MET A 194 -11.13 -10.31 -10.18
N SER A 195 -12.42 -10.63 -10.09
CA SER A 195 -13.41 -10.06 -11.01
C SER A 195 -14.40 -9.14 -10.33
N ARG A 196 -14.27 -8.91 -9.03
CA ARG A 196 -15.29 -8.19 -8.28
C ARG A 196 -14.82 -6.83 -7.82
N ASN A 197 -13.67 -6.34 -8.29
CA ASN A 197 -13.10 -5.11 -7.75
C ASN A 197 -12.50 -4.21 -8.82
N ALA A 198 -12.27 -2.97 -8.43
CA ALA A 198 -11.34 -2.15 -9.20
C ALA A 198 -9.96 -2.79 -9.03
N LYS A 199 -9.19 -2.91 -10.10
CA LYS A 199 -7.87 -3.56 -9.95
C LYS A 199 -6.94 -3.04 -11.03
N GLN A 200 -5.67 -3.20 -10.77
CA GLN A 200 -4.66 -2.75 -11.72
C GLN A 200 -3.40 -3.61 -11.57
N PHE A 201 -2.70 -3.76 -12.69
CA PHE A 201 -1.46 -4.55 -12.75
C PHE A 201 -0.43 -3.73 -13.50
N LEU A 202 0.75 -3.55 -12.92
CA LEU A 202 1.82 -2.79 -13.55
C LEU A 202 3.07 -3.62 -13.43
N GLU A 203 3.62 -4.03 -14.56
CA GLU A 203 4.84 -4.81 -14.58
C GLU A 203 6.01 -3.87 -14.87
N ILE A 204 7.01 -3.90 -14.02
CA ILE A 204 8.18 -3.03 -14.07
C ILE A 204 9.24 -3.70 -14.92
N CYS A 205 9.66 -3.02 -15.99
CA CYS A 205 10.64 -3.58 -16.92
C CYS A 205 11.93 -3.94 -16.22
N GLY A 206 12.39 -5.16 -16.45
CA GLY A 206 13.67 -5.64 -15.96
C GLY A 206 13.75 -5.83 -14.46
N GLY A 207 12.66 -5.67 -13.72
CA GLY A 207 12.77 -5.65 -12.27
C GLY A 207 13.02 -7.03 -11.67
N SER A 208 13.97 -7.07 -10.74
CA SER A 208 14.15 -8.20 -9.83
C SER A 208 12.99 -8.25 -8.84
N HIS A 209 12.96 -9.30 -8.01
CA HIS A 209 11.92 -9.46 -6.99
C HIS A 209 11.79 -8.24 -6.08
N SER A 210 12.86 -7.46 -5.91
CA SER A 210 12.87 -6.28 -5.06
C SER A 210 12.60 -4.98 -5.82
N CYS A 211 11.96 -5.04 -7.00
CA CYS A 211 11.90 -3.87 -7.90
C CYS A 211 11.04 -2.72 -7.36
N ALA A 212 10.18 -2.98 -6.36
CA ALA A 212 9.37 -1.93 -5.73
C ALA A 212 9.82 -1.62 -4.29
N ASN A 213 10.98 -2.10 -3.89
CA ASN A 213 11.43 -1.96 -2.52
C ASN A 213 12.16 -0.65 -2.33
N SER A 214 12.48 -0.31 -1.07
CA SER A 214 13.24 0.90 -0.82
C SER A 214 14.54 0.90 -1.62
N GLY A 215 14.84 2.03 -2.26
CA GLY A 215 16.03 2.21 -3.09
C GLY A 215 15.87 1.81 -4.53
N ASN A 216 14.68 1.39 -4.94
CA ASN A 216 14.50 1.01 -6.34
C ASN A 216 14.68 2.21 -7.26
N SER A 217 15.02 1.93 -8.53
CA SER A 217 15.32 3.00 -9.47
C SER A 217 14.09 3.62 -10.10
N ASN A 218 12.87 3.19 -9.71
CA ASN A 218 11.65 3.68 -10.32
C ASN A 218 10.68 4.23 -9.27
N GLN A 219 11.23 4.86 -8.21
CA GLN A 219 10.39 5.45 -7.18
C GLN A 219 9.46 6.51 -7.73
N ASP A 220 9.83 7.16 -8.83
CA ASP A 220 8.97 8.17 -9.42
C ASP A 220 7.67 7.57 -9.94
N LEU A 221 7.77 6.57 -10.80
CA LEU A 221 6.58 5.93 -11.37
C LEU A 221 5.82 5.12 -10.31
N ILE A 222 6.54 4.28 -9.56
CA ILE A 222 5.88 3.39 -8.59
C ILE A 222 5.22 4.22 -7.51
N GLY A 223 5.90 5.28 -7.08
CA GLY A 223 5.34 6.11 -6.03
C GLY A 223 4.16 6.94 -6.52
N LYS A 224 4.23 7.46 -7.75
CA LYS A 224 3.06 8.11 -8.32
C LYS A 224 1.85 7.17 -8.28
N LYS A 225 2.06 5.94 -8.73
CA LYS A 225 0.94 5.04 -8.87
C LYS A 225 0.41 4.63 -7.50
N GLY A 226 1.30 4.26 -6.55
CA GLY A 226 0.79 3.88 -5.26
C GLY A 226 0.02 5.00 -4.58
N VAL A 227 0.55 6.22 -4.65
CA VAL A 227 -0.13 7.34 -4.01
C VAL A 227 -1.47 7.60 -4.69
N ALA A 228 -1.47 7.61 -6.04
CA ALA A 228 -2.71 7.88 -6.78
C ALA A 228 -3.77 6.83 -6.46
N TRP A 229 -3.35 5.55 -6.36
CA TRP A 229 -4.31 4.49 -6.07
C TRP A 229 -4.91 4.68 -4.68
N MET A 230 -4.05 4.91 -3.69
CA MET A 230 -4.55 5.13 -2.33
C MET A 230 -5.38 6.39 -2.20
N LYS A 231 -4.98 7.50 -2.86
CA LYS A 231 -5.80 8.70 -2.82
C LYS A 231 -7.14 8.44 -3.48
N ARG A 232 -7.13 7.83 -4.66
CA ARG A 232 -8.40 7.62 -5.35
C ARG A 232 -9.35 6.79 -4.49
N PHE A 233 -8.87 5.68 -3.93
CA PHE A 233 -9.78 4.73 -3.31
C PHE A 233 -9.95 4.90 -1.83
N MET A 234 -8.93 5.35 -1.12
CA MET A 234 -9.13 5.57 0.31
C MET A 234 -9.84 6.89 0.58
N ASP A 235 -9.63 7.91 -0.27
CA ASP A 235 -10.23 9.23 -0.11
C ASP A 235 -11.37 9.46 -1.04
N ASN A 236 -11.72 8.48 -1.89
CA ASN A 236 -12.76 8.67 -2.92
C ASN A 236 -12.48 9.92 -3.77
N ASP A 237 -11.20 10.23 -3.96
CA ASP A 237 -10.79 11.52 -4.48
C ASP A 237 -10.65 11.39 -5.99
N THR A 238 -11.68 11.84 -6.70
CA THR A 238 -11.67 11.71 -8.15
C THR A 238 -10.69 12.62 -8.85
N ARG A 239 -10.05 13.58 -8.17
CA ARG A 239 -8.92 14.27 -8.80
C ARG A 239 -7.79 13.31 -9.13
N TYR A 240 -7.80 12.14 -8.50
CA TYR A 240 -6.79 11.11 -8.65
C TYR A 240 -7.21 10.06 -9.66
N SER A 241 -8.41 10.16 -10.22
CA SER A 241 -8.86 9.11 -11.12
C SER A 241 -8.01 9.03 -12.37
N THR A 242 -7.60 10.18 -12.91
CA THR A 242 -6.76 10.15 -14.10
C THR A 242 -5.47 9.39 -13.81
N PHE A 243 -4.83 9.64 -12.67
CA PHE A 243 -3.54 9.03 -12.40
C PHE A 243 -3.67 7.62 -11.96
N ALA A 244 -4.76 7.33 -11.24
CA ALA A 244 -4.98 5.97 -10.77
C ALA A 244 -5.29 5.02 -11.92
N CYS A 245 -6.04 5.46 -12.92
CA CYS A 245 -6.51 4.57 -13.96
C CYS A 245 -5.70 4.67 -15.23
N GLU A 246 -4.78 5.63 -15.31
CA GLU A 246 -4.02 5.86 -16.52
C GLU A 246 -3.15 4.66 -16.90
N ASN A 247 -3.07 4.39 -18.21
CA ASN A 247 -2.16 3.38 -18.82
C ASN A 247 -0.84 4.08 -19.10
N PRO A 248 0.19 3.95 -18.27
CA PRO A 248 1.31 4.92 -18.31
C PRO A 248 2.18 4.79 -19.55
N ASN A 249 2.60 5.95 -20.10
CA ASN A 249 3.71 6.00 -21.05
C ASN A 249 4.98 6.22 -20.25
N SER A 250 5.47 5.13 -19.69
CA SER A 250 6.68 5.17 -18.89
C SER A 250 7.56 4.03 -19.39
N THR A 251 8.81 4.34 -19.68
CA THR A 251 9.75 3.30 -20.09
C THR A 251 10.05 2.32 -18.96
N ALA A 252 9.64 2.64 -17.74
CA ALA A 252 9.73 1.70 -16.64
C ALA A 252 8.61 0.65 -16.67
N VAL A 253 7.56 0.87 -17.46
CA VAL A 253 6.38 0.00 -17.42
C VAL A 253 6.39 -0.89 -18.65
N CYS A 254 6.39 -2.20 -18.42
CA CYS A 254 6.42 -3.19 -19.50
C CYS A 254 5.09 -3.88 -19.71
N ASP A 255 4.15 -3.77 -18.78
CA ASP A 255 2.80 -4.26 -19.04
C ASP A 255 1.86 -3.46 -18.15
N PHE A 256 0.63 -3.27 -18.62
CA PHE A 256 -0.37 -2.57 -17.84
C PHE A 256 -1.71 -3.22 -18.11
N ARG A 257 -2.46 -3.54 -17.04
CA ARG A 257 -3.82 -4.04 -17.10
C ARG A 257 -4.63 -3.31 -16.04
N THR A 258 -5.90 -3.04 -16.36
CA THR A 258 -6.79 -2.47 -15.33
C THR A 258 -8.24 -2.88 -15.64
N ALA A 259 -9.07 -2.92 -14.60
CA ALA A 259 -10.50 -3.17 -14.75
C ALA A 259 -11.26 -2.43 -13.65
N ASN A 260 -12.51 -1.99 -13.97
CA ASN A 260 -13.39 -1.32 -13.00
C ASN A 260 -12.72 -0.10 -12.39
N CYS A 261 -11.86 0.55 -13.17
CA CYS A 261 -11.17 1.75 -12.73
C CYS A 261 -11.80 2.89 -13.53
N SER A 262 -12.84 3.50 -12.97
CA SER A 262 -13.56 4.48 -13.77
C SER A 262 -12.80 5.81 -13.77
N LEU A 263 -12.76 6.43 -14.94
CA LEU A 263 -12.16 7.74 -15.13
C LEU A 263 -13.15 8.82 -14.73
CL CL B . 8.25 -13.96 0.57
CL CL C . 14.54 -12.13 -8.57
CL CL D . -6.06 -16.35 6.02
#